data_6NCU
#
_entry.id   6NCU
#
_cell.length_a   67.510
_cell.length_b   67.510
_cell.length_c   142.740
_cell.angle_alpha   90.000
_cell.angle_beta   90.000
_cell.angle_gamma   120.000
#
_symmetry.space_group_name_H-M   'P 31 2 1'
#
_entity_poly.entity_id   1
_entity_poly.type   'polypeptide(L)'
_entity_poly.pdbx_seq_one_letter_code
;KNLNPKKFSIHDQDHKVLVLDSGNLIAVPDKNYIRPEIFFALASSLSSASAEKGSPILLGVSKGEFCLYCDKDKGQSHPS
LQLKKEKLMKLAAQKESARRPFIFYRAQVGSWNMLESAAHPGWFICTSCNCNEPVGVTDKFENRKHIEFSFQPV
;
_entity_poly.pdbx_strand_id   A,B
#
# COMPACT_ATOMS: atom_id res chain seq x y z
N LYS A 1 16.51 -5.05 -9.85
CA LYS A 1 15.61 -5.75 -10.76
C LYS A 1 16.41 -6.54 -11.81
N ASN A 2 16.76 -7.78 -11.46
CA ASN A 2 17.59 -8.61 -12.31
C ASN A 2 16.79 -9.13 -13.50
N LEU A 3 17.42 -9.12 -14.67
CA LEU A 3 16.81 -9.72 -15.85
C LEU A 3 16.90 -11.24 -15.86
N ASN A 4 17.80 -11.81 -15.06
CA ASN A 4 18.02 -13.26 -15.02
C ASN A 4 17.45 -13.83 -13.73
N PRO A 5 16.50 -14.75 -13.80
CA PRO A 5 15.90 -15.28 -12.56
C PRO A 5 16.88 -16.15 -11.78
N LYS A 6 16.68 -16.16 -10.46
CA LYS A 6 17.45 -17.01 -9.56
C LYS A 6 16.58 -18.21 -9.23
N LYS A 7 16.73 -19.27 -10.00
CA LYS A 7 15.90 -20.46 -9.84
C LYS A 7 16.33 -21.28 -8.63
N PHE A 8 15.37 -21.97 -8.02
CA PHE A 8 15.60 -22.69 -6.78
C PHE A 8 14.34 -23.47 -6.43
N SER A 9 14.45 -24.27 -5.37
CA SER A 9 13.34 -25.01 -4.80
C SER A 9 13.08 -24.55 -3.38
N ILE A 10 11.86 -24.76 -2.91
CA ILE A 10 11.43 -24.31 -1.59
C ILE A 10 11.18 -25.52 -0.72
N HIS A 11 11.79 -25.53 0.47
CA HIS A 11 11.49 -26.48 1.52
C HIS A 11 10.96 -25.70 2.73
N ASP A 12 10.53 -26.43 3.74
CA ASP A 12 10.22 -25.83 5.03
C ASP A 12 11.01 -26.54 6.11
N GLN A 13 10.70 -26.23 7.37
CA GLN A 13 11.45 -26.75 8.51
C GLN A 13 10.66 -27.78 9.29
N ASP A 14 9.59 -28.31 8.71
CA ASP A 14 8.95 -29.53 9.19
C ASP A 14 9.23 -30.70 8.27
N HIS A 15 10.30 -30.60 7.48
CA HIS A 15 10.72 -31.63 6.53
C HIS A 15 9.60 -31.90 5.50
N LYS A 16 9.44 -30.93 4.61
CA LYS A 16 8.49 -31.03 3.52
C LYS A 16 9.09 -30.39 2.27
N VAL A 17 8.31 -30.40 1.20
CA VAL A 17 8.77 -29.91 -0.11
C VAL A 17 7.55 -29.39 -0.86
N LEU A 18 7.72 -28.26 -1.54
CA LEU A 18 6.63 -27.63 -2.26
C LEU A 18 6.65 -28.09 -3.72
N VAL A 19 5.56 -28.72 -4.15
CA VAL A 19 5.37 -29.13 -5.53
C VAL A 19 4.04 -28.59 -6.02
N LEU A 20 3.91 -28.49 -7.35
CA LEU A 20 2.68 -28.04 -7.99
C LEU A 20 1.89 -29.28 -8.39
N ASP A 21 0.70 -29.43 -7.81
CA ASP A 21 -0.14 -30.61 -8.01
C ASP A 21 -1.42 -30.18 -8.73
N SER A 22 -1.41 -30.32 -10.05
CA SER A 22 -2.57 -30.01 -10.88
C SER A 22 -3.05 -28.57 -10.67
N GLY A 23 -2.17 -27.63 -10.97
CA GLY A 23 -2.48 -26.23 -10.86
C GLY A 23 -2.67 -25.72 -9.45
N ASN A 24 -2.40 -26.54 -8.43
CA ASN A 24 -2.52 -26.14 -7.04
C ASN A 24 -1.22 -26.43 -6.33
N LEU A 25 -0.68 -25.43 -5.64
CA LEU A 25 0.61 -25.53 -4.97
C LEU A 25 0.40 -26.11 -3.58
N ILE A 26 0.92 -27.31 -3.34
CA ILE A 26 0.80 -27.98 -2.05
C ILE A 26 2.19 -28.37 -1.56
N ALA A 27 2.27 -28.67 -0.27
CA ALA A 27 3.51 -29.12 0.36
C ALA A 27 3.35 -30.57 0.81
N VAL A 28 4.33 -31.40 0.47
CA VAL A 28 4.33 -32.82 0.80
C VAL A 28 5.69 -33.16 1.41
N PRO A 29 5.86 -34.29 2.08
CA PRO A 29 7.14 -34.61 2.73
C PRO A 29 8.31 -34.57 1.75
N ASP A 30 9.51 -34.63 2.31
CA ASP A 30 10.75 -34.47 1.56
C ASP A 30 11.37 -35.82 1.19
N LYS A 31 10.58 -36.69 0.56
CA LYS A 31 11.09 -37.98 0.13
C LYS A 31 11.94 -37.82 -1.13
N ASN A 32 12.78 -38.82 -1.38
CA ASN A 32 13.74 -38.73 -2.47
C ASN A 32 13.07 -38.77 -3.83
N TYR A 33 11.96 -39.48 -3.96
CA TYR A 33 11.28 -39.63 -5.25
C TYR A 33 10.42 -38.44 -5.63
N ILE A 34 10.53 -37.32 -4.92
CA ILE A 34 9.76 -36.12 -5.20
C ILE A 34 10.62 -35.17 -6.02
N ARG A 35 10.08 -34.70 -7.14
CA ARG A 35 10.73 -33.67 -7.95
C ARG A 35 10.20 -32.31 -7.51
N PRO A 36 10.95 -31.57 -6.69
CA PRO A 36 10.44 -30.30 -6.15
C PRO A 36 10.13 -29.30 -7.25
N GLU A 37 9.10 -28.50 -7.02
CA GLU A 37 8.77 -27.42 -7.93
C GLU A 37 9.88 -26.38 -7.92
N ILE A 38 10.40 -26.06 -9.09
CA ILE A 38 11.47 -25.08 -9.22
C ILE A 38 10.84 -23.70 -9.44
N PHE A 39 11.08 -22.79 -8.51
CA PHE A 39 10.54 -21.45 -8.55
C PHE A 39 11.55 -20.50 -9.19
N PHE A 40 11.04 -19.41 -9.77
CA PHE A 40 11.84 -18.41 -10.45
C PHE A 40 11.69 -17.08 -9.71
N ALA A 41 12.57 -16.85 -8.73
CA ALA A 41 12.56 -15.60 -7.99
C ALA A 41 13.47 -14.58 -8.66
N LEU A 42 13.10 -13.31 -8.52
CA LEU A 42 13.85 -12.21 -9.11
C LEU A 42 13.44 -10.92 -8.43
N ALA A 43 14.41 -10.03 -8.22
CA ALA A 43 14.16 -8.80 -7.48
C ALA A 43 13.19 -7.89 -8.25
N SER A 44 12.54 -7.00 -7.50
CA SER A 44 11.60 -6.04 -8.04
C SER A 44 11.26 -4.99 -7.00
N SER A 45 11.89 -3.82 -7.08
CA SER A 45 11.73 -2.81 -6.05
C SER A 45 10.33 -2.19 -6.11
N LEU A 46 9.93 -1.61 -4.98
CA LEU A 46 8.64 -0.94 -4.85
C LEU A 46 8.88 0.54 -4.63
N SER A 47 8.13 1.37 -5.36
CA SER A 47 8.26 2.83 -5.24
C SER A 47 7.93 3.28 -3.83
N SER A 48 6.63 3.30 -3.48
CA SER A 48 6.20 3.57 -2.12
C SER A 48 6.34 2.28 -1.31
N ALA A 49 7.59 1.92 -1.03
CA ALA A 49 7.91 0.66 -0.37
C ALA A 49 7.62 0.71 1.13
N SER A 50 8.35 -0.08 1.90
CA SER A 50 8.14 -0.19 3.33
C SER A 50 9.41 -0.71 3.99
N ALA A 51 9.60 -0.34 5.24
CA ALA A 51 10.77 -0.72 6.02
C ALA A 51 10.46 -1.97 6.85
N GLU A 52 11.30 -2.27 7.83
CA GLU A 52 11.14 -3.40 8.75
C GLU A 52 11.18 -4.76 8.06
N LYS A 53 10.82 -4.82 6.78
CA LYS A 53 10.73 -6.05 6.02
C LYS A 53 11.88 -6.16 5.03
N GLY A 54 11.99 -7.33 4.40
CA GLY A 54 13.12 -7.65 3.54
C GLY A 54 13.03 -7.13 2.13
N SER A 55 13.52 -7.93 1.16
CA SER A 55 13.67 -7.53 -0.23
C SER A 55 12.43 -7.93 -1.03
N PRO A 56 11.92 -7.05 -1.90
CA PRO A 56 10.72 -7.40 -2.68
C PRO A 56 11.09 -8.17 -3.94
N ILE A 57 10.40 -9.29 -4.18
CA ILE A 57 10.64 -10.15 -5.32
C ILE A 57 9.30 -10.62 -5.89
N LEU A 58 9.35 -11.14 -7.11
CA LEU A 58 8.24 -11.85 -7.72
C LEU A 58 8.44 -13.35 -7.57
N LEU A 59 7.39 -14.11 -7.88
CA LEU A 59 7.40 -15.55 -7.69
C LEU A 59 6.63 -16.23 -8.81
N GLY A 60 7.16 -17.34 -9.31
CA GLY A 60 6.54 -18.06 -10.40
C GLY A 60 6.83 -19.54 -10.41
N VAL A 61 5.82 -20.36 -10.71
CA VAL A 61 5.96 -21.81 -10.73
C VAL A 61 5.97 -22.29 -12.16
N SER A 62 6.50 -23.50 -12.36
CA SER A 62 6.62 -24.14 -13.67
C SER A 62 7.25 -23.19 -14.69
N LYS A 63 8.57 -23.04 -14.54
CA LYS A 63 9.36 -22.13 -15.36
C LYS A 63 8.90 -20.69 -15.19
N GLY A 64 7.64 -20.40 -15.52
CA GLY A 64 7.10 -19.07 -15.34
C GLY A 64 5.70 -18.88 -15.89
N GLU A 65 5.04 -19.98 -16.26
CA GLU A 65 3.71 -19.90 -16.82
C GLU A 65 2.64 -19.53 -15.79
N PHE A 66 2.95 -19.63 -14.50
CA PHE A 66 2.01 -19.24 -13.45
C PHE A 66 2.78 -18.52 -12.35
N CYS A 67 2.14 -17.54 -11.74
CA CYS A 67 2.77 -16.71 -10.70
C CYS A 67 1.87 -16.61 -9.48
N LEU A 68 2.49 -16.20 -8.37
CA LEU A 68 1.79 -16.11 -7.08
C LEU A 68 1.27 -14.70 -6.85
N TYR A 69 0.04 -14.62 -6.34
CA TYR A 69 -0.51 -13.36 -5.88
C TYR A 69 -1.42 -13.62 -4.69
N CYS A 70 -1.90 -12.54 -4.08
CA CYS A 70 -2.63 -12.62 -2.82
C CYS A 70 -3.49 -11.37 -2.72
N ASP A 71 -4.81 -11.52 -2.83
CA ASP A 71 -5.66 -10.37 -3.13
C ASP A 71 -6.82 -10.16 -2.16
N LYS A 72 -7.33 -11.24 -1.56
CA LYS A 72 -8.56 -11.18 -0.78
C LYS A 72 -9.73 -10.78 -1.68
N ASP A 73 -10.57 -11.74 -2.06
CA ASP A 73 -11.63 -11.50 -3.03
C ASP A 73 -12.72 -10.58 -2.50
N LYS A 74 -13.88 -11.15 -2.17
CA LYS A 74 -15.05 -10.37 -1.77
C LYS A 74 -15.12 -10.10 -0.26
N GLY A 75 -15.02 -11.11 0.60
CA GLY A 75 -14.86 -12.51 0.26
C GLY A 75 -14.61 -13.41 1.45
N GLN A 76 -13.50 -14.14 1.39
CA GLN A 76 -13.13 -15.11 2.42
C GLN A 76 -12.54 -14.47 3.67
N SER A 77 -13.03 -13.27 4.05
CA SER A 77 -12.60 -12.57 5.26
C SER A 77 -11.13 -12.21 5.23
N HIS A 78 -10.27 -13.20 5.03
CA HIS A 78 -8.83 -13.05 4.98
C HIS A 78 -8.37 -13.02 3.53
N PRO A 79 -7.12 -12.62 3.28
CA PRO A 79 -6.55 -12.82 1.95
C PRO A 79 -6.22 -14.29 1.71
N SER A 80 -5.99 -14.62 0.45
CA SER A 80 -5.78 -16.00 0.04
C SER A 80 -4.49 -16.08 -0.77
N LEU A 81 -4.38 -17.13 -1.58
CA LEU A 81 -3.18 -17.34 -2.40
C LEU A 81 -3.59 -18.19 -3.59
N GLN A 82 -3.54 -17.62 -4.79
CA GLN A 82 -3.89 -18.35 -6.01
C GLN A 82 -2.78 -18.16 -7.03
N LEU A 83 -2.94 -18.83 -8.17
CA LEU A 83 -2.02 -18.72 -9.29
C LEU A 83 -2.61 -17.82 -10.37
N LYS A 84 -1.76 -17.46 -11.33
CA LYS A 84 -2.16 -16.55 -12.40
C LYS A 84 -1.51 -16.98 -13.69
N LYS A 85 -2.31 -17.25 -14.71
CA LYS A 85 -1.81 -17.57 -16.05
C LYS A 85 -1.20 -16.30 -16.64
N GLU A 86 0.01 -15.98 -16.20
CA GLU A 86 0.73 -14.80 -16.67
C GLU A 86 2.22 -15.08 -16.57
N LYS A 87 2.93 -14.90 -17.69
CA LYS A 87 4.35 -15.17 -17.72
C LYS A 87 5.11 -14.21 -16.81
N LEU A 88 6.19 -14.72 -16.22
CA LEU A 88 6.94 -13.94 -15.24
C LEU A 88 7.72 -12.81 -15.88
N MET A 89 8.33 -13.07 -17.04
CA MET A 89 9.10 -12.05 -17.75
C MET A 89 8.24 -10.88 -18.21
N LYS A 90 6.91 -11.01 -18.19
CA LYS A 90 6.01 -9.91 -18.49
C LYS A 90 5.66 -9.08 -17.27
N LEU A 91 5.93 -9.60 -16.07
CA LEU A 91 5.45 -8.97 -14.84
C LEU A 91 6.29 -7.75 -14.47
N ALA A 92 7.59 -7.93 -14.28
CA ALA A 92 8.45 -6.84 -13.83
C ALA A 92 8.48 -5.67 -14.81
N ALA A 93 7.94 -5.84 -16.02
CA ALA A 93 7.84 -4.75 -16.98
C ALA A 93 6.56 -3.95 -16.84
N GLN A 94 5.65 -4.36 -15.95
CA GLN A 94 4.41 -3.60 -15.71
C GLN A 94 4.67 -2.46 -14.74
N LYS A 95 3.60 -1.76 -14.38
CA LYS A 95 3.70 -0.56 -13.55
C LYS A 95 3.92 -0.90 -12.08
N GLU A 96 3.06 -0.38 -11.21
CA GLU A 96 3.18 -0.60 -9.78
C GLU A 96 1.89 -1.19 -9.22
N SER A 97 0.76 -0.87 -9.87
CA SER A 97 -0.53 -1.37 -9.41
C SER A 97 -0.69 -2.86 -9.70
N ALA A 98 -0.29 -3.29 -10.90
CA ALA A 98 -0.41 -4.70 -11.28
C ALA A 98 0.68 -5.57 -10.68
N ARG A 99 1.78 -4.98 -10.22
CA ARG A 99 2.85 -5.73 -9.60
C ARG A 99 2.65 -5.96 -8.11
N ARG A 100 1.80 -5.16 -7.46
CA ARG A 100 1.71 -5.20 -6.00
C ARG A 100 1.25 -6.53 -5.44
N PRO A 101 0.14 -7.13 -5.90
CA PRO A 101 -0.27 -8.42 -5.30
C PRO A 101 0.72 -9.54 -5.52
N PHE A 102 1.58 -9.43 -6.54
CA PHE A 102 2.55 -10.46 -6.84
C PHE A 102 3.89 -10.24 -6.15
N ILE A 103 4.06 -9.12 -5.46
CA ILE A 103 5.31 -8.82 -4.77
C ILE A 103 5.29 -9.43 -3.38
N PHE A 104 6.37 -10.12 -3.02
CA PHE A 104 6.57 -10.66 -1.69
C PHE A 104 7.91 -10.16 -1.15
N TYR A 105 8.10 -10.31 0.16
CA TYR A 105 9.28 -9.80 0.85
C TYR A 105 10.04 -10.95 1.49
N ARG A 106 11.22 -11.24 0.96
CA ARG A 106 12.07 -12.31 1.49
C ARG A 106 12.91 -11.74 2.63
N ALA A 107 12.51 -12.01 3.86
CA ALA A 107 13.24 -11.55 5.04
C ALA A 107 14.29 -12.61 5.40
N GLN A 108 15.56 -12.28 5.14
CA GLN A 108 16.64 -13.22 5.41
C GLN A 108 16.83 -13.43 6.91
N VAL A 109 16.96 -14.70 7.30
CA VAL A 109 17.31 -15.09 8.66
C VAL A 109 17.99 -16.45 8.58
N GLY A 110 19.18 -16.57 9.17
CA GLY A 110 19.95 -17.80 9.17
C GLY A 110 19.97 -18.53 7.85
N SER A 111 19.75 -19.85 7.88
CA SER A 111 19.53 -20.63 6.67
C SER A 111 18.07 -20.65 6.26
N TRP A 112 17.26 -19.76 6.82
CA TRP A 112 15.81 -19.75 6.66
C TRP A 112 15.38 -18.56 5.82
N ASN A 113 14.15 -18.63 5.30
CA ASN A 113 13.55 -17.56 4.53
C ASN A 113 12.07 -17.51 4.82
N MET A 114 11.48 -16.33 4.66
CA MET A 114 10.06 -16.13 4.92
C MET A 114 9.53 -15.04 4.00
N LEU A 115 8.35 -15.27 3.44
CA LEU A 115 7.79 -14.41 2.40
C LEU A 115 6.57 -13.69 2.94
N GLU A 116 6.72 -12.40 3.23
CA GLU A 116 5.61 -11.55 3.61
C GLU A 116 4.99 -10.93 2.35
N SER A 117 3.67 -10.83 2.33
CA SER A 117 3.00 -10.24 1.19
C SER A 117 3.26 -8.73 1.13
N ALA A 118 2.84 -8.13 0.03
CA ALA A 118 2.92 -6.68 -0.14
C ALA A 118 1.56 -6.01 -0.22
N ALA A 119 0.62 -6.59 -0.98
CA ALA A 119 -0.73 -6.03 -1.04
C ALA A 119 -1.43 -6.12 0.30
N HIS A 120 -1.18 -7.18 1.07
CA HIS A 120 -1.77 -7.35 2.40
C HIS A 120 -0.63 -7.62 3.38
N PRO A 121 -0.06 -6.57 3.97
CA PRO A 121 1.09 -6.76 4.87
C PRO A 121 0.71 -7.57 6.10
N GLY A 122 1.73 -8.08 6.78
CA GLY A 122 1.55 -8.96 7.90
C GLY A 122 1.10 -10.36 7.54
N TRP A 123 0.74 -10.60 6.29
CA TRP A 123 0.30 -11.91 5.84
C TRP A 123 1.44 -12.60 5.11
N PHE A 124 1.87 -13.74 5.63
CA PHE A 124 3.03 -14.48 5.16
C PHE A 124 2.57 -15.72 4.41
N ILE A 125 3.54 -16.53 3.99
CA ILE A 125 3.27 -17.80 3.31
C ILE A 125 3.53 -18.93 4.29
N CYS A 126 2.59 -19.87 4.39
CA CYS A 126 2.66 -20.90 5.40
C CYS A 126 2.27 -22.25 4.83
N THR A 127 2.63 -23.30 5.56
CA THR A 127 2.19 -24.66 5.30
C THR A 127 1.28 -25.12 6.43
N SER A 128 0.57 -26.22 6.18
CA SER A 128 -0.38 -26.73 7.16
C SER A 128 -0.01 -28.15 7.61
N CYS A 129 -1.02 -28.96 7.88
CA CYS A 129 -0.82 -30.36 8.22
C CYS A 129 -1.99 -31.22 7.72
N GLU A 133 -2.96 -31.19 1.00
CA GLU A 133 -3.07 -29.99 1.81
C GLU A 133 -2.33 -28.82 1.15
N PRO A 134 -3.10 -27.85 0.63
CA PRO A 134 -2.49 -26.78 -0.17
C PRO A 134 -1.64 -25.81 0.65
N VAL A 135 -1.04 -24.84 -0.03
CA VAL A 135 -0.24 -23.80 0.60
C VAL A 135 -1.04 -22.51 0.60
N GLY A 136 -1.09 -21.83 1.75
CA GLY A 136 -1.85 -20.60 1.87
C GLY A 136 -1.09 -19.48 2.53
N VAL A 137 -1.83 -18.51 3.07
CA VAL A 137 -1.25 -17.35 3.75
C VAL A 137 -1.69 -17.38 5.21
N THR A 138 -0.93 -16.67 6.05
CA THR A 138 -1.20 -16.64 7.48
C THR A 138 -0.85 -15.27 8.05
N ASP A 139 -1.55 -14.90 9.11
CA ASP A 139 -1.25 -13.69 9.88
C ASP A 139 -0.85 -14.03 11.31
N LYS A 140 -0.25 -15.21 11.50
CA LYS A 140 0.16 -15.69 12.82
C LYS A 140 -1.01 -15.69 13.79
N GLU A 142 0.06 -19.24 13.03
CA GLU A 142 0.41 -18.89 14.40
C GLU A 142 1.59 -19.73 14.87
N ASN A 143 2.43 -20.13 13.91
CA ASN A 143 3.56 -21.01 14.23
C ASN A 143 4.87 -20.43 13.69
N ARG A 144 5.92 -21.26 13.67
CA ARG A 144 7.26 -20.79 13.29
C ARG A 144 7.81 -21.55 12.09
N LYS A 145 7.95 -22.87 12.17
CA LYS A 145 8.54 -23.62 11.07
C LYS A 145 7.69 -23.55 9.81
N HIS A 146 6.39 -23.28 9.98
CA HIS A 146 5.48 -23.07 8.86
C HIS A 146 5.59 -21.67 8.27
N ILE A 147 6.78 -21.09 8.29
CA ILE A 147 6.98 -19.75 7.75
C ILE A 147 8.45 -19.61 7.35
N GLU A 148 9.33 -20.30 8.06
CA GLU A 148 10.77 -20.25 7.76
C GLU A 148 11.07 -21.31 6.71
N PHE A 149 11.44 -20.85 5.52
CA PHE A 149 11.69 -21.72 4.37
C PHE A 149 13.18 -21.75 4.05
N SER A 150 13.66 -22.91 3.63
CA SER A 150 15.05 -23.07 3.19
C SER A 150 15.06 -23.21 1.68
N PHE A 151 15.81 -22.35 1.00
CA PHE A 151 15.86 -22.31 -0.46
C PHE A 151 17.09 -23.08 -0.93
N GLN A 152 16.87 -24.31 -1.37
CA GLN A 152 17.99 -25.07 -1.93
C GLN A 152 18.08 -24.83 -3.43
N PRO A 153 19.29 -24.59 -3.95
CA PRO A 153 19.45 -24.28 -5.37
C PRO A 153 19.18 -25.49 -6.25
N VAL A 154 18.96 -25.20 -7.54
CA VAL A 154 18.63 -26.24 -8.51
C VAL A 154 19.79 -27.20 -8.72
N LYS B 1 -9.04 17.04 -14.35
CA LYS B 1 -10.14 17.75 -13.69
C LYS B 1 -11.43 17.67 -14.52
N ASN B 2 -12.18 16.59 -14.32
CA ASN B 2 -13.46 16.43 -14.99
C ASN B 2 -14.47 17.46 -14.46
N LEU B 3 -15.63 17.48 -15.09
CA LEU B 3 -16.72 18.34 -14.63
C LEU B 3 -17.28 17.79 -13.32
N ASN B 4 -17.47 18.70 -12.34
CA ASN B 4 -18.00 18.44 -11.00
C ASN B 4 -16.95 17.77 -10.11
N PRO B 5 -16.99 18.01 -8.79
CA PRO B 5 -15.99 17.40 -7.89
C PRO B 5 -16.43 16.06 -7.32
N LYS B 6 -15.62 15.52 -6.41
CA LYS B 6 -15.89 14.25 -5.74
C LYS B 6 -16.06 14.49 -4.24
N LYS B 7 -17.03 13.81 -3.65
CA LYS B 7 -17.38 13.98 -2.24
C LYS B 7 -17.21 12.67 -1.50
N PHE B 8 -16.60 12.73 -0.32
CA PHE B 8 -16.29 11.54 0.47
C PHE B 8 -15.84 11.99 1.86
N SER B 9 -15.55 11.00 2.71
CA SER B 9 -15.06 11.24 4.06
C SER B 9 -13.73 10.53 4.23
N ILE B 10 -12.80 11.17 4.96
CA ILE B 10 -11.44 10.66 5.11
C ILE B 10 -11.44 9.81 6.39
N HIS B 11 -11.65 8.51 6.22
CA HIS B 11 -11.46 7.56 7.30
C HIS B 11 -10.03 7.01 7.20
N ASP B 12 -9.20 7.35 8.18
CA ASP B 12 -7.88 6.72 8.20
C ASP B 12 -8.03 5.25 8.60
N GLN B 13 -7.00 4.47 8.29
CA GLN B 13 -7.07 3.03 8.49
C GLN B 13 -6.79 2.61 9.93
N ASP B 14 -6.92 3.54 10.89
CA ASP B 14 -6.87 3.23 12.31
C ASP B 14 -8.23 3.40 12.97
N HIS B 15 -9.31 3.36 12.16
CA HIS B 15 -10.69 3.42 12.61
C HIS B 15 -11.07 4.78 13.20
N LYS B 16 -10.36 5.83 12.84
CA LYS B 16 -10.74 7.20 13.17
C LYS B 16 -11.32 7.89 11.93
N VAL B 17 -12.13 8.91 12.18
CA VAL B 17 -12.79 9.64 11.11
C VAL B 17 -12.33 11.09 11.15
N LEU B 18 -12.54 11.79 10.06
CA LEU B 18 -12.10 13.18 9.89
C LEU B 18 -13.28 14.12 10.08
N VAL B 19 -13.15 15.05 11.03
CA VAL B 19 -14.18 16.05 11.30
C VAL B 19 -13.50 17.40 11.53
N LEU B 20 -14.31 18.44 11.51
CA LEU B 20 -13.85 19.82 11.64
C LEU B 20 -14.34 20.39 12.97
N ASP B 21 -13.40 20.73 13.86
CA ASP B 21 -13.71 21.22 15.19
C ASP B 21 -13.11 22.61 15.37
N SER B 22 -13.97 23.60 15.59
CA SER B 22 -13.56 24.98 15.82
C SER B 22 -12.59 25.46 14.74
N GLY B 23 -13.00 25.27 13.49
CA GLY B 23 -12.26 25.78 12.36
C GLY B 23 -10.98 25.02 12.11
N ASN B 24 -10.74 24.00 12.91
CA ASN B 24 -9.56 23.16 12.79
C ASN B 24 -9.98 21.72 12.55
N LEU B 25 -9.27 21.06 11.65
CA LEU B 25 -9.60 19.70 11.24
C LEU B 25 -8.91 18.70 12.16
N ILE B 26 -9.68 17.82 12.80
CA ILE B 26 -9.16 16.84 13.73
C ILE B 26 -9.65 15.46 13.34
N ALA B 27 -9.15 14.45 14.04
CA ALA B 27 -9.48 13.05 13.77
C ALA B 27 -10.02 12.42 15.04
N VAL B 28 -11.28 11.99 15.01
CA VAL B 28 -11.95 11.43 16.16
C VAL B 28 -12.35 10.00 15.82
N PRO B 29 -12.53 9.15 16.82
CA PRO B 29 -13.02 7.79 16.56
C PRO B 29 -14.37 7.83 15.84
N ASP B 30 -14.48 7.04 14.78
CA ASP B 30 -15.70 6.98 13.98
C ASP B 30 -16.84 6.38 14.79
N LYS B 31 -17.63 7.23 15.43
CA LYS B 31 -18.69 6.81 16.33
C LYS B 31 -20.06 6.95 15.65
N ASN B 32 -21.06 6.29 16.24
CA ASN B 32 -22.39 6.19 15.67
C ASN B 32 -23.20 7.48 15.81
N TYR B 33 -22.51 8.61 15.95
CA TYR B 33 -23.18 9.90 15.99
C TYR B 33 -22.22 11.00 15.55
N ILE B 34 -21.02 10.63 15.14
CA ILE B 34 -20.08 11.59 14.59
C ILE B 34 -20.48 11.89 13.15
N ARG B 35 -20.58 13.19 12.84
CA ARG B 35 -20.94 13.63 11.50
C ARG B 35 -19.67 13.89 10.70
N PRO B 36 -19.24 12.93 9.86
CA PRO B 36 -17.94 13.07 9.19
C PRO B 36 -17.92 14.25 8.23
N GLU B 37 -16.88 15.07 8.33
CA GLU B 37 -16.75 16.23 7.49
C GLU B 37 -16.63 15.81 6.02
N ILE B 38 -17.52 16.32 5.18
CA ILE B 38 -17.54 15.96 3.77
C ILE B 38 -16.54 16.82 3.02
N PHE B 39 -15.59 16.18 2.35
CA PHE B 39 -14.57 16.88 1.59
C PHE B 39 -15.00 17.02 0.13
N PHE B 40 -14.33 17.92 -0.58
CA PHE B 40 -14.59 18.18 -1.99
C PHE B 40 -13.28 18.09 -2.74
N ALA B 41 -13.15 17.07 -3.59
CA ALA B 41 -11.92 16.82 -4.32
C ALA B 41 -12.07 17.29 -5.75
N LEU B 42 -11.21 18.23 -6.15
CA LEU B 42 -11.05 18.63 -7.54
C LEU B 42 -9.60 18.35 -7.94
N ALA B 43 -9.42 17.35 -8.80
CA ALA B 43 -8.08 16.99 -9.26
C ALA B 43 -7.43 18.16 -9.98
N SER B 44 -6.36 18.70 -9.39
CA SER B 44 -5.66 19.82 -9.99
C SER B 44 -4.50 19.33 -10.85
N SER B 45 -3.77 20.27 -11.43
CA SER B 45 -2.67 19.94 -12.33
C SER B 45 -1.45 20.80 -11.98
N LEU B 46 -0.27 20.22 -12.21
CA LEU B 46 1.00 20.92 -12.02
C LEU B 46 1.90 20.55 -13.19
N SER B 47 2.22 21.52 -14.03
CA SER B 47 3.05 21.24 -15.20
C SER B 47 4.43 20.73 -14.79
N SER B 48 4.94 21.17 -13.64
CA SER B 48 6.20 20.66 -13.11
C SER B 48 5.96 19.58 -12.06
N ALA B 49 5.10 18.62 -12.40
CA ALA B 49 4.78 17.55 -11.46
C ALA B 49 5.97 16.60 -11.29
N SER B 50 5.90 15.80 -10.24
CA SER B 50 6.94 14.84 -9.91
C SER B 50 6.49 13.43 -10.25
N ALA B 51 7.40 12.64 -10.80
CA ALA B 51 7.10 11.25 -11.15
C ALA B 51 6.87 10.43 -9.88
N GLU B 52 6.16 9.32 -10.04
CA GLU B 52 5.73 8.43 -8.96
C GLU B 52 4.66 9.07 -8.09
N LYS B 53 4.75 10.39 -7.89
CA LYS B 53 3.74 11.10 -7.12
C LYS B 53 2.40 11.05 -7.83
N GLY B 54 1.33 10.79 -7.08
CA GLY B 54 0.04 10.53 -7.65
C GLY B 54 -0.59 11.74 -8.33
N SER B 55 -1.87 11.58 -8.65
CA SER B 55 -2.60 12.63 -9.34
C SER B 55 -2.72 13.87 -8.46
N PRO B 56 -2.35 15.05 -8.94
CA PRO B 56 -2.46 16.27 -8.13
C PRO B 56 -3.91 16.60 -7.84
N ILE B 57 -4.20 16.92 -6.58
CA ILE B 57 -5.56 17.20 -6.12
C ILE B 57 -5.51 18.29 -5.06
N LEU B 58 -6.41 19.26 -5.18
CA LEU B 58 -6.66 20.22 -4.12
C LEU B 58 -7.97 19.89 -3.42
N LEU B 59 -8.04 20.22 -2.13
CA LEU B 59 -9.12 19.77 -1.27
C LEU B 59 -9.84 20.94 -0.61
N GLY B 60 -11.13 20.78 -0.40
CA GLY B 60 -11.93 21.78 0.29
C GLY B 60 -12.71 21.16 1.42
N VAL B 61 -13.02 21.98 2.42
CA VAL B 61 -13.65 21.53 3.65
C VAL B 61 -14.97 22.26 3.85
N SER B 62 -15.99 21.51 4.27
CA SER B 62 -17.30 22.05 4.67
C SER B 62 -17.87 23.00 3.63
N LYS B 63 -18.41 22.44 2.54
CA LYS B 63 -19.12 23.19 1.51
C LYS B 63 -18.21 24.25 0.87
N GLY B 64 -17.25 23.76 0.10
CA GLY B 64 -16.40 24.63 -0.70
C GLY B 64 -15.48 25.54 0.08
N GLU B 65 -16.00 26.66 0.56
CA GLU B 65 -15.18 27.68 1.20
C GLU B 65 -14.40 27.09 2.36
N PHE B 66 -13.08 27.26 2.31
CA PHE B 66 -12.03 26.74 3.19
C PHE B 66 -11.30 25.58 2.53
N CYS B 67 -10.14 25.87 1.94
CA CYS B 67 -9.27 24.87 1.32
C CYS B 67 -8.02 24.71 2.16
N LEU B 68 -7.44 23.51 2.11
CA LEU B 68 -6.23 23.21 2.85
C LEU B 68 -5.01 23.27 1.93
N TYR B 69 -3.84 23.45 2.55
CA TYR B 69 -2.61 23.70 1.82
C TYR B 69 -1.45 23.64 2.82
N CYS B 70 -0.30 23.19 2.34
CA CYS B 70 0.92 23.16 3.13
C CYS B 70 1.76 24.39 2.81
N ASP B 71 2.42 24.92 3.84
CA ASP B 71 3.21 26.15 3.68
C ASP B 71 4.27 26.21 4.77
N LYS B 72 4.88 27.38 4.92
CA LYS B 72 5.90 27.66 5.94
C LYS B 72 5.76 29.14 6.28
N ASP B 73 4.92 29.44 7.27
CA ASP B 73 4.44 30.80 7.52
C ASP B 73 5.55 31.78 7.87
N LYS B 74 5.78 32.01 9.15
CA LYS B 74 6.74 33.02 9.58
C LYS B 74 8.14 32.43 9.66
N GLY B 75 8.51 31.93 10.84
CA GLY B 75 9.81 31.33 11.04
C GLY B 75 9.76 30.16 12.00
N GLN B 76 8.86 29.21 11.72
CA GLN B 76 8.63 28.07 12.61
C GLN B 76 9.68 26.99 12.35
N SER B 77 9.47 25.80 12.91
CA SER B 77 10.43 24.72 12.77
C SER B 77 10.22 23.94 11.48
N HIS B 78 9.02 23.38 11.30
CA HIS B 78 8.68 22.53 10.18
C HIS B 78 7.51 23.11 9.41
N PRO B 79 7.28 22.66 8.18
CA PRO B 79 6.06 23.05 7.46
C PRO B 79 4.82 22.47 8.12
N SER B 80 3.67 23.00 7.71
CA SER B 80 2.40 22.56 8.27
C SER B 80 1.28 22.93 7.30
N LEU B 81 0.20 22.17 7.34
CA LEU B 81 -0.97 22.46 6.53
C LEU B 81 -1.93 23.34 7.32
N GLN B 82 -2.65 24.19 6.60
CA GLN B 82 -3.57 25.15 7.21
C GLN B 82 -4.86 25.12 6.42
N LEU B 83 -5.70 26.14 6.63
CA LEU B 83 -6.96 26.29 5.93
C LEU B 83 -7.15 27.76 5.58
N LYS B 84 -7.37 28.04 4.29
CA LYS B 84 -7.55 29.40 3.81
C LYS B 84 -9.00 29.60 3.39
N LYS B 85 -9.59 30.71 3.84
CA LYS B 85 -10.98 31.06 3.55
C LYS B 85 -11.09 31.44 2.07
N GLU B 86 -11.21 30.41 1.23
CA GLU B 86 -11.32 30.60 -0.21
C GLU B 86 -12.23 29.52 -0.78
N LYS B 87 -12.99 29.88 -1.81
CA LYS B 87 -13.92 28.95 -2.43
C LYS B 87 -13.18 27.94 -3.30
N LEU B 88 -13.66 26.69 -3.27
CA LEU B 88 -13.00 25.63 -4.03
C LEU B 88 -13.13 25.86 -5.53
N MET B 89 -14.29 26.34 -5.98
CA MET B 89 -14.46 26.65 -7.40
C MET B 89 -13.57 27.82 -7.83
N LYS B 90 -13.30 28.76 -6.92
CA LYS B 90 -12.49 29.92 -7.27
C LYS B 90 -11.00 29.59 -7.27
N LEU B 91 -10.56 28.72 -6.35
CA LEU B 91 -9.13 28.44 -6.23
C LEU B 91 -8.59 27.65 -7.40
N ALA B 92 -9.40 26.76 -7.99
CA ALA B 92 -8.93 25.83 -9.00
C ALA B 92 -8.45 26.51 -10.28
N ALA B 93 -8.73 27.81 -10.45
CA ALA B 93 -8.39 28.51 -11.67
C ALA B 93 -7.20 29.45 -11.55
N GLN B 94 -6.81 29.83 -10.33
CA GLN B 94 -5.73 30.80 -10.16
C GLN B 94 -4.41 30.21 -10.63
N LYS B 95 -3.39 31.06 -10.66
CA LYS B 95 -2.11 30.71 -11.27
C LYS B 95 -1.51 29.47 -10.63
N GLU B 96 -0.70 28.75 -11.41
CA GLU B 96 -0.02 27.55 -10.91
C GLU B 96 0.82 27.86 -9.68
N SER B 97 1.40 29.06 -9.61
CA SER B 97 2.12 29.46 -8.42
C SER B 97 1.17 29.68 -7.24
N ALA B 98 -0.07 30.07 -7.53
CA ALA B 98 -1.05 30.26 -6.46
C ALA B 98 -1.67 28.94 -6.02
N ARG B 99 -1.89 28.02 -6.96
CA ARG B 99 -2.46 26.72 -6.60
C ARG B 99 -1.45 25.81 -5.95
N ARG B 100 -0.15 26.06 -6.14
CA ARG B 100 0.88 25.10 -5.73
C ARG B 100 0.79 24.64 -4.28
N PRO B 101 0.65 25.52 -3.28
CA PRO B 101 0.57 25.02 -1.90
C PRO B 101 -0.67 24.19 -1.63
N PHE B 102 -1.75 24.39 -2.40
CA PHE B 102 -3.02 23.70 -2.18
C PHE B 102 -3.09 22.34 -2.86
N ILE B 103 -2.14 22.02 -3.72
CA ILE B 103 -2.16 20.76 -4.44
C ILE B 103 -1.57 19.66 -3.56
N PHE B 104 -2.24 18.50 -3.53
CA PHE B 104 -1.77 17.36 -2.77
C PHE B 104 -1.75 16.13 -3.67
N TYR B 105 -0.72 15.31 -3.52
CA TYR B 105 -0.50 14.15 -4.38
C TYR B 105 -1.23 12.95 -3.79
N ARG B 106 -2.28 12.50 -4.48
CA ARG B 106 -3.09 11.38 -4.03
C ARG B 106 -2.66 10.12 -4.80
N ALA B 107 -2.08 9.18 -4.08
CA ALA B 107 -1.62 7.91 -4.67
C ALA B 107 -2.39 6.78 -4.00
N GLN B 108 -3.30 6.16 -4.75
CA GLN B 108 -4.15 5.12 -4.20
C GLN B 108 -3.37 3.83 -3.97
N VAL B 109 -3.75 3.11 -2.93
CA VAL B 109 -3.19 1.78 -2.64
C VAL B 109 -4.34 0.85 -2.25
N GLY B 110 -4.92 0.18 -3.24
CA GLY B 110 -6.09 -0.63 -3.00
C GLY B 110 -7.30 0.22 -2.69
N SER B 111 -7.92 -0.01 -1.53
CA SER B 111 -9.00 0.85 -1.04
C SER B 111 -8.47 2.07 -0.29
N TRP B 112 -7.17 2.29 -0.31
CA TRP B 112 -6.52 3.31 0.48
C TRP B 112 -5.97 4.42 -0.41
N ASN B 113 -5.49 5.49 0.22
CA ASN B 113 -5.01 6.65 -0.52
C ASN B 113 -3.88 7.31 0.23
N MET B 114 -2.76 7.54 -0.47
CA MET B 114 -1.71 8.39 0.04
C MET B 114 -2.02 9.84 -0.27
N LEU B 115 -1.39 10.75 0.48
CA LEU B 115 -1.62 12.18 0.29
C LEU B 115 -0.35 12.93 0.64
N GLU B 116 0.42 13.31 -0.38
CA GLU B 116 1.65 14.06 -0.22
C GLU B 116 1.44 15.49 -0.74
N SER B 117 2.06 16.44 -0.07
CA SER B 117 1.91 17.85 -0.46
C SER B 117 2.71 18.14 -1.73
N ALA B 118 2.30 19.20 -2.41
CA ALA B 118 3.03 19.71 -3.56
C ALA B 118 3.93 20.89 -3.24
N ALA B 119 3.53 21.71 -2.26
CA ALA B 119 4.41 22.79 -1.80
C ALA B 119 5.68 22.21 -1.18
N HIS B 120 5.55 21.12 -0.44
CA HIS B 120 6.70 20.44 0.18
C HIS B 120 6.53 18.94 0.00
N PRO B 121 6.87 18.41 -1.17
CA PRO B 121 6.86 16.95 -1.36
C PRO B 121 7.84 16.27 -0.41
N GLY B 122 7.63 14.97 -0.22
CA GLY B 122 8.29 14.24 0.82
C GLY B 122 7.60 14.31 2.17
N TRP B 123 6.76 15.33 2.39
CA TRP B 123 5.95 15.45 3.59
C TRP B 123 4.53 15.00 3.26
N PHE B 124 4.09 13.92 3.91
CA PHE B 124 2.78 13.36 3.69
C PHE B 124 1.80 13.83 4.76
N ILE B 125 0.57 14.13 4.34
CA ILE B 125 -0.47 14.43 5.29
C ILE B 125 -0.71 13.21 6.17
N CYS B 126 -1.01 13.43 7.45
CA CYS B 126 -1.06 12.32 8.39
C CYS B 126 -1.99 12.66 9.55
N THR B 127 -2.31 11.62 10.31
CA THR B 127 -3.05 11.72 11.56
C THR B 127 -2.19 11.20 12.70
N SER B 128 -2.66 11.39 13.92
CA SER B 128 -1.91 10.98 15.09
C SER B 128 -2.32 9.56 15.50
N CYS B 129 -1.67 9.05 16.55
CA CYS B 129 -2.00 7.73 17.08
C CYS B 129 -3.08 7.81 18.15
N ASN B 130 -2.99 8.77 19.07
CA ASN B 130 -4.03 8.95 20.08
C ASN B 130 -5.27 9.55 19.44
N CYS B 131 -6.43 9.01 19.82
CA CYS B 131 -7.68 9.26 19.09
C CYS B 131 -8.39 10.50 19.66
N ASN B 132 -7.86 11.67 19.32
CA ASN B 132 -8.52 12.98 19.48
C ASN B 132 -7.53 14.11 19.19
N GLU B 133 -6.90 14.08 18.02
CA GLU B 133 -5.84 15.02 17.68
C GLU B 133 -6.13 15.69 16.35
N PRO B 134 -5.55 16.87 16.11
CA PRO B 134 -5.71 17.51 14.79
C PRO B 134 -4.87 16.83 13.74
N VAL B 135 -5.40 16.74 12.53
CA VAL B 135 -4.70 16.11 11.42
C VAL B 135 -3.64 17.06 10.88
N GLY B 136 -2.42 16.54 10.69
CA GLY B 136 -1.29 17.34 10.29
C GLY B 136 -0.56 16.73 9.12
N VAL B 137 0.73 17.01 9.06
CA VAL B 137 1.60 16.53 7.99
C VAL B 137 2.91 16.04 8.60
N THR B 138 3.50 15.03 7.97
CA THR B 138 4.73 14.44 8.48
C THR B 138 5.59 13.95 7.33
N ASP B 139 6.89 13.78 7.62
CA ASP B 139 7.84 13.22 6.67
C ASP B 139 8.45 11.90 7.12
N LYS B 140 8.40 11.58 8.41
CA LYS B 140 8.84 10.29 8.91
C LYS B 140 7.79 9.77 9.88
N PHE B 141 7.30 8.56 9.62
CA PHE B 141 6.15 8.02 10.33
C PHE B 141 6.57 6.90 11.28
N GLU B 142 5.59 6.43 12.05
CA GLU B 142 5.79 5.32 12.96
C GLU B 142 4.61 4.33 12.90
N ASN B 143 3.81 4.38 11.84
CA ASN B 143 2.69 3.47 11.63
C ASN B 143 2.07 3.69 10.26
N ARG B 144 1.59 2.62 9.61
CA ARG B 144 1.08 2.77 8.24
C ARG B 144 -0.28 3.45 8.22
N LYS B 145 -1.17 3.05 9.12
CA LYS B 145 -2.56 3.51 9.21
C LYS B 145 -2.71 5.00 9.49
N HIS B 146 -1.65 5.81 9.44
CA HIS B 146 -1.74 7.23 9.71
C HIS B 146 -1.38 8.09 8.51
N ILE B 147 -0.91 7.50 7.43
CA ILE B 147 -0.88 8.15 6.13
C ILE B 147 -1.79 7.44 5.12
N GLU B 148 -2.09 6.17 5.34
CA GLU B 148 -2.98 5.39 4.47
C GLU B 148 -4.43 5.71 4.85
N PHE B 149 -5.20 6.25 3.91
CA PHE B 149 -6.52 6.77 4.18
C PHE B 149 -7.58 6.12 3.29
N SER B 150 -8.75 5.89 3.87
CA SER B 150 -9.91 5.40 3.14
C SER B 150 -10.85 6.56 2.80
N PHE B 151 -11.32 6.60 1.56
CA PHE B 151 -12.19 7.66 1.08
C PHE B 151 -13.58 7.06 0.82
N GLN B 152 -14.34 6.89 1.89
CA GLN B 152 -15.69 6.36 1.77
C GLN B 152 -16.64 7.46 1.32
N PRO B 153 -17.29 7.34 0.16
CA PRO B 153 -18.21 8.37 -0.29
C PRO B 153 -19.61 8.16 0.26
N VAL B 154 -20.25 9.27 0.64
CA VAL B 154 -21.61 9.23 1.15
C VAL B 154 -22.50 10.19 0.36
#